data_3SWE
#
_entry.id   3SWE
#
_cell.length_a   63.910
_cell.length_b   123.380
_cell.length_c   127.630
_cell.angle_alpha   90.00
_cell.angle_beta   90.00
_cell.angle_gamma   90.00
#
_symmetry.space_group_name_H-M   'I 2 2 2'
#
loop_
_entity.id
_entity.type
_entity.pdbx_description
1 polymer 'UDP-N-acetylglucosamine 1-carboxyvinyltransferase'
2 non-polymer 'SULFATE ION'
3 non-polymer GLYCEROL
4 non-polymer '(2R)-2-{[(2R,3R,4R,5S,6R)-3-(acetylamino)-2-{[(S)-{[(R)-{[(2R,3S,4R,5R)-5-(2,4-dioxo-3,4-dihydropyrimidin-1(2H)-yl)-3,4-dihydroxytetrahydrofuran-2-yl]methoxy}(hydroxy)phosphoryl]oxy}(hydroxy)phosphoryl]oxy}-5-hydroxy-6-(hydroxymethyl)tetrahydro-2H-pyran-4-yl]oxy}propanoic acid'
5 water water
#
_entity_poly.entity_id   1
_entity_poly.type   'polypeptide(L)'
_entity_poly.pdbx_seq_one_letter_code
;MDKFRVYGQSRLSGSVNISGAKNAALPILFAAILATEPVKLTNVPELKDIETTLKILRQLGVVVDRDATGAVLLDASNIN
HFTAPYELVKTMRASIWALAPLVARFHQGQVSLPGG(QPA)SIGARPVDLHISGLEKLGADIVLEEGYVKAQVSDRLVGT
RIVIEKVSVGATLSIMMAATLAKGTTVIENAAREPEIVDTADFLNKMGAKITGAGSAHITIEGVERLTGCEHSVVPDRIE
TGTFLIAAAISGGCVVCQNTKADTLDAVIDKLREAGAQVDVTENSITLDMLGNRPKAVNIRTAPHPGFPTDMQAQFTLLN
MVAEGTSIITETIFENRFMHIPELIRMGGKAEIEGNTAVCHGVEQLSGTEVIATDLRASISLVLAGCIATGETIVDRIYH
IDRGYEHIEDKLRGLGAKIERFSGSDEA
;
_entity_poly.pdbx_strand_id   A
#
# COMPACT_ATOMS: atom_id res chain seq x y z
N MET A 1 1.16 9.43 -23.23
CA MET A 1 0.90 9.76 -21.79
C MET A 1 -0.61 9.83 -21.54
N ASP A 2 -1.14 8.82 -20.85
CA ASP A 2 -2.57 8.80 -20.57
C ASP A 2 -3.01 9.81 -19.53
N LYS A 3 -4.25 10.28 -19.68
CA LYS A 3 -4.84 11.25 -18.79
C LYS A 3 -6.28 10.86 -18.56
N PHE A 4 -6.89 11.39 -17.51
CA PHE A 4 -8.30 11.15 -17.27
C PHE A 4 -9.03 12.46 -17.56
N ARG A 5 -10.17 12.35 -18.23
CA ARG A 5 -11.00 13.51 -18.47
C ARG A 5 -12.15 13.21 -17.52
N VAL A 6 -12.37 14.09 -16.56
CA VAL A 6 -13.43 13.88 -15.58
C VAL A 6 -14.41 15.05 -15.58
N TYR A 7 -15.71 14.74 -15.61
CA TYR A 7 -16.76 15.77 -15.60
C TYR A 7 -17.44 15.64 -14.26
N GLY A 8 -17.31 16.67 -13.44
CA GLY A 8 -17.85 16.58 -12.09
C GLY A 8 -19.28 16.97 -11.81
N GLN A 9 -19.53 17.23 -10.52
CA GLN A 9 -20.84 17.66 -10.02
C GLN A 9 -21.81 16.49 -10.08
N SER A 10 -21.45 15.42 -9.38
CA SER A 10 -22.27 14.22 -9.35
C SER A 10 -22.02 13.50 -8.02
N ARG A 11 -23.08 13.07 -7.34
CA ARG A 11 -22.84 12.38 -6.08
C ARG A 11 -22.48 10.95 -6.40
N LEU A 12 -21.48 10.43 -5.70
CA LEU A 12 -21.02 9.07 -5.92
C LEU A 12 -21.74 8.11 -4.99
N SER A 13 -22.53 7.23 -5.59
CA SER A 13 -23.31 6.27 -4.83
C SER A 13 -23.40 4.93 -5.53
N GLY A 14 -23.49 3.87 -4.72
CA GLY A 14 -23.61 2.56 -5.31
C GLY A 14 -22.73 1.55 -4.64
N SER A 15 -22.49 0.44 -5.33
CA SER A 15 -21.68 -0.64 -4.80
C SER A 15 -20.36 -0.80 -5.55
N VAL A 16 -19.32 -1.10 -4.80
CA VAL A 16 -17.99 -1.32 -5.40
C VAL A 16 -17.35 -2.53 -4.72
N ASN A 17 -16.67 -3.37 -5.50
CA ASN A 17 -16.00 -4.54 -4.96
C ASN A 17 -14.57 -4.21 -4.59
N ILE A 18 -14.21 -4.51 -3.35
CA ILE A 18 -12.87 -4.26 -2.88
C ILE A 18 -11.98 -5.41 -3.24
N SER A 19 -10.77 -5.12 -3.69
CA SER A 19 -9.82 -6.15 -4.07
C SER A 19 -8.83 -6.41 -2.94
N GLY A 20 -7.94 -7.38 -3.17
CA GLY A 20 -6.93 -7.69 -2.17
C GLY A 20 -5.95 -6.52 -2.02
N ALA A 21 -5.41 -6.35 -0.83
CA ALA A 21 -4.47 -5.28 -0.57
C ALA A 21 -3.22 -5.36 -1.44
N LYS A 22 -2.96 -4.29 -2.18
CA LYS A 22 -1.77 -4.22 -3.00
C LYS A 22 -0.56 -4.50 -2.09
N ASN A 23 -0.53 -3.87 -0.92
CA ASN A 23 0.61 -4.02 -0.02
C ASN A 23 0.70 -5.27 0.86
N ALA A 24 -0.16 -6.23 0.59
CA ALA A 24 -0.13 -7.51 1.28
C ALA A 24 0.33 -8.44 0.15
N ALA A 25 -0.24 -8.22 -1.03
CA ALA A 25 0.12 -9.01 -2.20
C ALA A 25 1.61 -8.85 -2.54
N LEU A 26 2.13 -7.62 -2.49
CA LEU A 26 3.55 -7.42 -2.82
C LEU A 26 4.51 -8.18 -1.90
N PRO A 27 4.38 -8.01 -0.57
CA PRO A 27 5.26 -8.73 0.34
C PRO A 27 5.05 -10.24 0.26
N ILE A 28 3.80 -10.64 0.00
CA ILE A 28 3.53 -12.06 -0.11
C ILE A 28 4.22 -12.63 -1.35
N LEU A 29 4.20 -11.89 -2.45
CA LEU A 29 4.84 -12.33 -3.67
C LEU A 29 6.36 -12.47 -3.50
N PHE A 30 7.00 -11.56 -2.75
CA PHE A 30 8.46 -11.65 -2.51
C PHE A 30 8.76 -12.77 -1.51
N ALA A 31 7.89 -12.91 -0.51
CA ALA A 31 8.05 -13.94 0.50
C ALA A 31 7.95 -15.28 -0.22
N ALA A 32 7.24 -15.28 -1.34
CA ALA A 32 7.06 -16.50 -2.10
C ALA A 32 8.41 -17.06 -2.63
N ILE A 33 9.45 -16.23 -2.64
CA ILE A 33 10.79 -16.68 -3.10
C ILE A 33 11.25 -17.84 -2.20
N LEU A 34 10.66 -17.92 -1.01
CA LEU A 34 10.96 -18.97 -0.06
C LEU A 34 10.23 -20.29 -0.32
N ALA A 35 9.19 -20.26 -1.15
CA ALA A 35 8.41 -21.50 -1.36
C ALA A 35 9.06 -22.54 -2.24
N THR A 36 9.13 -23.77 -1.73
CA THR A 36 9.71 -24.88 -2.47
C THR A 36 8.62 -25.68 -3.19
N GLU A 37 7.35 -25.34 -2.95
CA GLU A 37 6.24 -26.02 -3.60
C GLU A 37 5.29 -24.98 -4.21
N PRO A 38 4.40 -25.41 -5.13
CA PRO A 38 3.49 -24.43 -5.74
C PRO A 38 2.70 -23.54 -4.80
N VAL A 39 2.40 -22.35 -5.30
CA VAL A 39 1.66 -21.33 -4.58
C VAL A 39 0.48 -20.82 -5.43
N LYS A 40 -0.66 -20.62 -4.80
CA LYS A 40 -1.81 -20.10 -5.53
C LYS A 40 -2.34 -18.95 -4.71
N LEU A 41 -2.39 -17.78 -5.33
CA LEU A 41 -2.85 -16.58 -4.64
C LEU A 41 -4.13 -16.08 -5.31
N THR A 42 -5.18 -15.88 -4.55
CA THR A 42 -6.42 -15.34 -5.11
C THR A 42 -6.63 -13.96 -4.54
N ASN A 43 -7.57 -13.21 -5.13
CA ASN A 43 -7.88 -11.85 -4.72
C ASN A 43 -6.70 -10.90 -4.90
N VAL A 44 -5.77 -11.22 -5.81
CA VAL A 44 -4.63 -10.34 -6.06
C VAL A 44 -5.07 -9.27 -7.06
N PRO A 45 -5.10 -7.98 -6.66
CA PRO A 45 -5.52 -6.91 -7.58
C PRO A 45 -4.73 -6.85 -8.89
N GLU A 46 -5.37 -6.28 -9.92
CA GLU A 46 -4.77 -6.15 -11.23
C GLU A 46 -4.27 -4.72 -11.38
N LEU A 47 -3.00 -4.53 -11.04
CA LEU A 47 -2.39 -3.23 -11.12
C LEU A 47 -0.88 -3.36 -11.34
N LYS A 48 -0.29 -2.29 -11.89
CA LYS A 48 1.12 -2.24 -12.25
C LYS A 48 2.13 -2.83 -11.29
N ASP A 49 2.00 -2.51 -10.01
CA ASP A 49 2.92 -3.03 -9.00
C ASP A 49 2.99 -4.55 -9.03
N ILE A 50 1.86 -5.20 -9.27
CA ILE A 50 1.85 -6.66 -9.33
C ILE A 50 2.63 -7.08 -10.56
N GLU A 51 2.36 -6.45 -11.69
CA GLU A 51 3.07 -6.76 -12.94
C GLU A 51 4.60 -6.58 -12.81
N THR A 52 5.02 -5.52 -12.12
CA THR A 52 6.43 -5.26 -11.95
C THR A 52 7.05 -6.34 -11.09
N THR A 53 6.33 -6.74 -10.05
CA THR A 53 6.82 -7.78 -9.16
C THR A 53 6.97 -9.09 -9.91
N LEU A 54 6.00 -9.42 -10.73
CA LEU A 54 6.08 -10.66 -11.51
C LEU A 54 7.31 -10.65 -12.45
N LYS A 55 7.65 -9.48 -13.00
CA LYS A 55 8.81 -9.37 -13.89
C LYS A 55 10.10 -9.64 -13.12
N ILE A 56 10.14 -9.17 -11.88
CA ILE A 56 11.30 -9.37 -11.05
C ILE A 56 11.41 -10.82 -10.67
N LEU A 57 10.28 -11.41 -10.33
CA LEU A 57 10.28 -12.81 -9.95
C LEU A 57 10.71 -13.69 -11.12
N ARG A 58 10.13 -13.44 -12.30
CA ARG A 58 10.48 -14.28 -13.45
C ARG A 58 11.98 -14.28 -13.76
N GLN A 59 12.63 -13.13 -13.67
CA GLN A 59 14.07 -13.12 -13.97
C GLN A 59 14.94 -13.73 -12.86
N LEU A 60 14.31 -14.24 -11.80
CA LEU A 60 15.05 -14.93 -10.76
C LEU A 60 14.91 -16.44 -11.07
N GLY A 61 14.00 -16.77 -11.99
CA GLY A 61 13.79 -18.16 -12.33
C GLY A 61 12.45 -18.67 -11.81
N VAL A 62 11.67 -17.78 -11.23
CA VAL A 62 10.34 -18.15 -10.73
C VAL A 62 9.39 -18.17 -11.93
N VAL A 63 8.55 -19.19 -12.02
CA VAL A 63 7.56 -19.27 -13.09
C VAL A 63 6.27 -18.82 -12.38
N VAL A 64 5.66 -17.75 -12.87
CA VAL A 64 4.42 -17.23 -12.24
C VAL A 64 3.58 -16.47 -13.27
N ASP A 65 2.28 -16.71 -13.25
CA ASP A 65 1.36 -16.08 -14.17
C ASP A 65 -0.04 -16.08 -13.57
N ARG A 66 -0.85 -15.11 -13.94
CA ARG A 66 -2.23 -15.04 -13.47
C ARG A 66 -3.01 -15.84 -14.50
N ASP A 67 -3.81 -16.81 -14.09
CA ASP A 67 -4.58 -17.55 -15.09
C ASP A 67 -5.91 -16.82 -15.36
N ALA A 68 -6.79 -17.44 -16.15
CA ALA A 68 -8.08 -16.85 -16.56
C ALA A 68 -9.10 -16.69 -15.46
N THR A 69 -8.87 -17.32 -14.31
CA THR A 69 -9.78 -17.16 -13.18
C THR A 69 -9.35 -15.89 -12.43
N GLY A 70 -8.15 -15.40 -12.71
CA GLY A 70 -7.66 -14.23 -11.99
C GLY A 70 -6.64 -14.61 -10.92
N ALA A 71 -6.58 -15.90 -10.62
CA ALA A 71 -5.63 -16.41 -9.62
C ALA A 71 -4.18 -16.32 -10.13
N VAL A 72 -3.24 -16.13 -9.21
CA VAL A 72 -1.82 -16.04 -9.56
C VAL A 72 -1.20 -17.35 -9.11
N LEU A 73 -0.68 -18.09 -10.08
CA LEU A 73 -0.08 -19.39 -9.80
C LEU A 73 1.43 -19.18 -9.86
N LEU A 74 2.12 -19.59 -8.81
CA LEU A 74 3.56 -19.36 -8.73
C LEU A 74 4.40 -20.59 -8.39
N ASP A 75 5.48 -20.76 -9.11
CA ASP A 75 6.36 -21.90 -8.85
C ASP A 75 7.78 -21.35 -8.71
N ALA A 76 8.27 -21.35 -7.47
CA ALA A 76 9.62 -20.86 -7.17
C ALA A 76 10.60 -22.01 -6.87
N SER A 77 10.21 -23.22 -7.23
CA SER A 77 11.05 -24.39 -6.98
C SER A 77 12.44 -24.35 -7.63
N ASN A 78 12.64 -23.54 -8.66
CA ASN A 78 13.94 -23.50 -9.33
C ASN A 78 14.56 -22.11 -9.60
N ILE A 79 14.72 -21.33 -8.54
CA ILE A 79 15.32 -20.02 -8.71
C ILE A 79 16.81 -20.25 -9.05
N ASN A 80 17.27 -19.64 -10.14
CA ASN A 80 18.66 -19.83 -10.55
C ASN A 80 19.42 -18.53 -10.72
N HIS A 81 18.79 -17.41 -10.39
CA HIS A 81 19.42 -16.09 -10.45
C HIS A 81 19.03 -15.37 -9.17
N PHE A 82 19.97 -14.65 -8.58
CA PHE A 82 19.78 -14.02 -7.29
C PHE A 82 20.00 -12.51 -7.24
N THR A 83 19.61 -11.82 -8.31
CA THR A 83 19.75 -10.36 -8.40
C THR A 83 18.48 -9.70 -8.89
N ALA A 84 18.01 -8.66 -8.19
CA ALA A 84 16.85 -7.90 -8.68
C ALA A 84 17.60 -6.72 -9.31
N PRO A 85 17.59 -6.62 -10.65
CA PRO A 85 18.29 -5.56 -11.36
C PRO A 85 17.81 -4.12 -11.24
N TYR A 86 18.76 -3.21 -11.36
CA TYR A 86 18.47 -1.78 -11.30
C TYR A 86 17.29 -1.32 -12.16
N GLU A 87 17.24 -1.78 -13.40
CA GLU A 87 16.18 -1.39 -14.31
C GLU A 87 14.76 -1.67 -13.83
N LEU A 88 14.59 -2.68 -12.97
CA LEU A 88 13.28 -3.00 -12.45
C LEU A 88 13.10 -2.35 -11.07
N VAL A 89 14.12 -2.47 -10.23
CA VAL A 89 14.04 -1.93 -8.88
C VAL A 89 13.76 -0.42 -8.80
N LYS A 90 14.34 0.34 -9.73
CA LYS A 90 14.16 1.79 -9.77
C LYS A 90 12.71 2.18 -9.99
N THR A 91 11.92 1.27 -10.53
CA THR A 91 10.51 1.61 -10.76
C THR A 91 9.66 1.31 -9.54
N MET A 92 10.16 0.50 -8.61
CA MET A 92 9.36 0.15 -7.43
C MET A 92 10.27 -0.29 -6.30
N ARG A 93 10.57 0.65 -5.40
CA ARG A 93 11.51 0.42 -4.30
C ARG A 93 11.16 -0.73 -3.36
N ALA A 94 9.89 -1.10 -3.35
CA ALA A 94 9.44 -2.20 -2.51
C ALA A 94 10.21 -3.49 -2.90
N SER A 95 10.79 -3.51 -4.09
CA SER A 95 11.54 -4.69 -4.52
C SER A 95 12.70 -5.03 -3.60
N ILE A 96 12.96 -4.13 -2.63
CA ILE A 96 14.02 -4.37 -1.65
C ILE A 96 13.69 -5.67 -0.90
N TRP A 97 12.40 -6.02 -0.92
CA TRP A 97 11.95 -7.23 -0.26
C TRP A 97 12.48 -8.53 -0.87
N ALA A 98 13.13 -8.45 -2.03
CA ALA A 98 13.67 -9.65 -2.66
C ALA A 98 14.93 -10.14 -1.96
N LEU A 99 15.65 -9.23 -1.31
CA LEU A 99 16.93 -9.54 -0.65
C LEU A 99 16.83 -10.51 0.52
N ALA A 100 15.92 -10.24 1.44
CA ALA A 100 15.73 -11.06 2.63
C ALA A 100 15.50 -12.54 2.32
N PRO A 101 14.47 -12.88 1.53
CA PRO A 101 14.24 -14.30 1.23
C PRO A 101 15.36 -14.98 0.41
N LEU A 102 15.93 -14.25 -0.55
CA LEU A 102 16.99 -14.80 -1.37
C LEU A 102 18.15 -15.20 -0.47
N VAL A 103 18.51 -14.29 0.43
CA VAL A 103 19.60 -14.52 1.38
C VAL A 103 19.30 -15.64 2.37
N ALA A 104 18.05 -15.72 2.82
CA ALA A 104 17.67 -16.72 3.81
C ALA A 104 17.61 -18.13 3.22
N ARG A 105 17.16 -18.22 1.97
CA ARG A 105 17.03 -19.53 1.35
C ARG A 105 18.23 -19.98 0.53
N PHE A 106 18.90 -19.04 -0.15
CA PHE A 106 20.03 -19.37 -0.98
C PHE A 106 21.39 -18.88 -0.47
N HIS A 107 21.35 -18.10 0.61
CA HIS A 107 22.53 -17.56 1.28
C HIS A 107 23.25 -16.48 0.52
N GLN A 108 22.57 -15.90 -0.45
CA GLN A 108 23.14 -14.82 -1.22
C GLN A 108 22.00 -14.13 -1.94
N GLY A 109 22.20 -12.86 -2.27
CA GLY A 109 21.18 -12.11 -2.93
C GLY A 109 21.74 -10.74 -3.24
N GLN A 110 21.19 -10.11 -4.25
CA GLN A 110 21.68 -8.82 -4.66
C GLN A 110 20.48 -8.00 -5.12
N VAL A 111 20.36 -6.77 -4.63
CA VAL A 111 19.26 -5.90 -5.06
C VAL A 111 19.76 -4.46 -5.20
N SER A 112 19.39 -3.81 -6.29
CA SER A 112 19.80 -2.42 -6.52
C SER A 112 19.35 -1.57 -5.32
N LEU A 113 20.21 -0.70 -4.81
CA LEU A 113 19.82 0.14 -3.68
C LEU A 113 18.83 1.19 -4.19
N PRO A 114 17.65 1.27 -3.58
CA PRO A 114 16.71 2.27 -4.07
C PRO A 114 17.32 3.67 -3.94
N GLY A 115 17.06 4.52 -4.92
CA GLY A 115 17.58 5.88 -4.91
C GLY A 115 16.54 6.82 -4.33
N GLY A 116 16.38 7.99 -4.93
CA GLY A 116 15.39 8.93 -4.42
C GLY A 116 13.93 8.65 -4.75
N SER A 118 10.06 10.81 -4.64
CA SER A 118 9.42 12.12 -4.44
C SER A 118 8.83 12.41 -3.03
N ILE A 119 7.93 11.55 -2.56
CA ILE A 119 7.27 11.76 -1.27
C ILE A 119 8.14 11.91 -0.03
N GLY A 120 9.43 11.61 -0.14
CA GLY A 120 10.28 11.77 1.02
C GLY A 120 11.54 10.92 1.07
N ALA A 121 12.30 11.08 2.15
CA ALA A 121 13.53 10.31 2.36
C ALA A 121 13.04 8.92 2.70
N ARG A 122 13.62 7.89 2.08
CA ARG A 122 13.20 6.52 2.33
C ARG A 122 14.36 5.54 2.31
N PRO A 123 15.30 5.69 3.26
CA PRO A 123 16.42 4.75 3.26
C PRO A 123 15.94 3.36 3.69
N VAL A 124 16.79 2.36 3.55
CA VAL A 124 16.43 1.00 3.90
C VAL A 124 17.45 0.44 4.88
N ASP A 125 18.04 1.37 5.63
CA ASP A 125 19.07 1.05 6.62
C ASP A 125 18.60 0.02 7.63
N LEU A 126 17.33 0.10 8.01
CA LEU A 126 16.80 -0.85 9.00
C LEU A 126 16.68 -2.26 8.46
N HIS A 127 16.44 -2.38 7.16
CA HIS A 127 16.32 -3.72 6.56
C HIS A 127 17.70 -4.38 6.65
N ILE A 128 18.70 -3.67 6.13
CA ILE A 128 20.09 -4.14 6.10
C ILE A 128 20.56 -4.48 7.49
N SER A 129 20.41 -3.53 8.38
CA SER A 129 20.81 -3.74 9.76
C SER A 129 20.18 -5.00 10.34
N GLY A 130 18.89 -5.20 10.10
CA GLY A 130 18.21 -6.36 10.63
C GLY A 130 18.72 -7.66 10.04
N LEU A 131 18.97 -7.65 8.74
CA LEU A 131 19.51 -8.85 8.09
C LEU A 131 20.91 -9.12 8.64
N GLU A 132 21.68 -8.07 8.83
CA GLU A 132 23.03 -8.24 9.41
C GLU A 132 22.94 -8.86 10.80
N LYS A 133 21.89 -8.53 11.57
CA LYS A 133 21.72 -9.10 12.91
C LYS A 133 21.50 -10.61 12.83
N LEU A 134 20.91 -11.05 11.73
CA LEU A 134 20.64 -12.48 11.56
C LEU A 134 21.88 -13.21 11.04
N GLY A 135 22.94 -12.46 10.75
CA GLY A 135 24.17 -13.07 10.30
C GLY A 135 24.62 -12.82 8.89
N ALA A 136 23.87 -12.02 8.15
CA ALA A 136 24.23 -11.74 6.77
C ALA A 136 25.38 -10.74 6.68
N ASP A 137 26.26 -10.91 5.70
CA ASP A 137 27.34 -9.96 5.50
C ASP A 137 26.81 -9.13 4.35
N ILE A 138 26.81 -7.81 4.49
CA ILE A 138 26.28 -6.98 3.42
C ILE A 138 27.17 -5.84 3.02
N VAL A 139 27.37 -5.71 1.72
CA VAL A 139 28.19 -4.63 1.20
C VAL A 139 27.42 -3.98 0.07
N LEU A 140 27.82 -2.75 -0.27
CA LEU A 140 27.20 -2.00 -1.34
C LEU A 140 28.26 -1.85 -2.44
N GLU A 141 28.12 -2.60 -3.52
CA GLU A 141 29.06 -2.50 -4.62
C GLU A 141 28.31 -2.08 -5.85
N GLU A 142 28.83 -1.06 -6.52
CA GLU A 142 28.27 -0.52 -7.72
C GLU A 142 26.74 -0.30 -7.76
N GLY A 143 26.22 0.26 -6.68
CA GLY A 143 24.80 0.56 -6.62
C GLY A 143 23.95 -0.62 -6.19
N TYR A 144 24.62 -1.74 -5.87
CA TYR A 144 23.92 -2.94 -5.45
C TYR A 144 24.16 -3.31 -4.01
N VAL A 145 23.08 -3.65 -3.31
CA VAL A 145 23.20 -4.14 -1.95
C VAL A 145 23.46 -5.64 -2.13
N LYS A 146 24.65 -6.06 -1.73
CA LYS A 146 25.08 -7.46 -1.86
C LYS A 146 25.13 -8.15 -0.50
N ALA A 147 24.33 -9.20 -0.36
CA ALA A 147 24.25 -9.95 0.87
C ALA A 147 24.75 -11.38 0.70
N GLN A 148 25.35 -11.93 1.74
CA GLN A 148 25.88 -13.28 1.72
C GLN A 148 25.96 -13.79 3.13
N VAL A 149 25.87 -15.10 3.27
CA VAL A 149 25.99 -15.71 4.57
C VAL A 149 26.51 -17.13 4.32
N SER A 150 27.58 -17.48 5.02
CA SER A 150 28.19 -18.79 4.85
C SER A 150 27.29 -19.96 5.22
N ASP A 151 26.49 -19.80 6.26
CA ASP A 151 25.60 -20.86 6.70
C ASP A 151 24.17 -20.34 6.87
N ARG A 152 23.30 -21.19 7.39
CA ARG A 152 21.92 -20.81 7.64
C ARG A 152 21.93 -19.59 8.57
N LEU A 153 20.94 -18.70 8.42
CA LEU A 153 20.87 -17.52 9.29
C LEU A 153 20.62 -17.96 10.72
N VAL A 154 20.92 -17.08 11.67
CA VAL A 154 20.73 -17.41 13.09
C VAL A 154 19.75 -16.48 13.79
N GLY A 155 18.73 -17.07 14.40
CA GLY A 155 17.74 -16.27 15.08
C GLY A 155 18.22 -15.63 16.36
N THR A 156 17.92 -14.34 16.52
CA THR A 156 18.28 -13.58 17.70
C THR A 156 17.24 -12.46 17.91
N ARG A 157 17.38 -11.70 19.00
CA ARG A 157 16.46 -10.62 19.30
C ARG A 157 16.82 -9.37 18.53
N ILE A 158 15.82 -8.77 17.88
CA ILE A 158 16.06 -7.59 17.09
C ILE A 158 15.07 -6.49 17.45
N VAL A 159 15.58 -5.35 17.91
CA VAL A 159 14.72 -4.23 18.23
C VAL A 159 14.87 -3.18 17.16
N ILE A 160 13.85 -3.04 16.31
CA ILE A 160 13.91 -2.04 15.28
C ILE A 160 13.59 -0.73 15.98
N GLU A 161 14.55 0.20 15.97
CA GLU A 161 14.39 1.47 16.65
C GLU A 161 13.34 2.43 16.10
N LYS A 162 12.86 2.15 14.90
CA LYS A 162 11.86 3.00 14.30
C LYS A 162 10.75 2.06 13.87
N VAL A 163 9.50 2.53 13.85
CA VAL A 163 8.42 1.65 13.41
C VAL A 163 8.49 1.64 11.89
N SER A 164 8.81 0.47 11.33
CA SER A 164 8.91 0.29 9.87
C SER A 164 8.22 -0.94 9.31
N VAL A 165 7.21 -0.72 8.47
CA VAL A 165 6.49 -1.79 7.81
C VAL A 165 7.49 -2.64 7.01
N GLY A 166 8.22 -2.00 6.10
CA GLY A 166 9.18 -2.73 5.28
C GLY A 166 10.25 -3.52 6.00
N ALA A 167 10.90 -2.91 7.00
CA ALA A 167 11.95 -3.62 7.74
C ALA A 167 11.37 -4.77 8.56
N THR A 168 10.17 -4.57 9.10
CA THR A 168 9.51 -5.61 9.88
C THR A 168 9.27 -6.80 8.97
N LEU A 169 8.96 -6.52 7.70
CA LEU A 169 8.69 -7.61 6.78
C LEU A 169 9.93 -8.30 6.22
N SER A 170 10.99 -7.53 6.00
CA SER A 170 12.23 -8.11 5.48
C SER A 170 12.75 -9.10 6.53
N ILE A 171 12.85 -8.63 7.77
CA ILE A 171 13.33 -9.43 8.90
C ILE A 171 12.48 -10.65 9.18
N MET A 172 11.16 -10.48 9.16
CA MET A 172 10.28 -11.62 9.42
C MET A 172 10.48 -12.69 8.32
N MET A 173 10.54 -12.26 7.06
CA MET A 173 10.73 -13.20 5.97
C MET A 173 12.02 -14.01 6.18
N ALA A 174 13.12 -13.31 6.44
CA ALA A 174 14.41 -13.93 6.65
C ALA A 174 14.41 -14.86 7.86
N ALA A 175 13.75 -14.43 8.93
CA ALA A 175 13.72 -15.24 10.14
C ALA A 175 13.05 -16.61 10.02
N THR A 176 12.10 -16.76 9.09
CA THR A 176 11.41 -18.05 8.93
C THR A 176 12.34 -19.22 8.61
N LEU A 177 13.53 -18.93 8.07
CA LEU A 177 14.48 -19.99 7.74
C LEU A 177 15.75 -19.93 8.60
N ALA A 178 15.78 -19.01 9.57
CA ALA A 178 16.92 -18.88 10.47
C ALA A 178 16.95 -20.04 11.47
N LYS A 179 18.09 -20.29 12.09
CA LYS A 179 18.16 -21.38 13.06
C LYS A 179 17.79 -20.81 14.42
N GLY A 180 16.97 -21.54 15.16
CA GLY A 180 16.57 -21.04 16.46
C GLY A 180 15.43 -20.06 16.33
N THR A 181 15.28 -19.21 17.34
CA THR A 181 14.19 -18.24 17.37
C THR A 181 14.59 -16.78 17.27
N THR A 182 13.82 -16.04 16.49
CA THR A 182 14.05 -14.63 16.32
C THR A 182 12.90 -13.91 17.01
N VAL A 183 13.18 -12.72 17.53
CA VAL A 183 12.18 -11.91 18.21
C VAL A 183 12.30 -10.51 17.65
N ILE A 184 11.20 -10.00 17.11
CA ILE A 184 11.23 -8.65 16.56
C ILE A 184 10.41 -7.73 17.45
N GLU A 185 11.10 -6.90 18.24
CA GLU A 185 10.43 -5.96 19.14
C GLU A 185 10.26 -4.67 18.37
N ASN A 186 9.18 -3.96 18.69
CA ASN A 186 8.85 -2.70 18.07
C ASN A 186 8.43 -2.86 16.61
N ALA A 187 7.99 -4.08 16.27
CA ALA A 187 7.50 -4.43 14.93
C ALA A 187 6.35 -3.53 14.53
N ALA A 188 6.21 -3.28 13.23
CA ALA A 188 5.12 -2.50 12.70
C ALA A 188 3.92 -3.48 12.83
N ARG A 189 2.71 -2.96 13.02
CA ARG A 189 1.53 -3.81 13.21
C ARG A 189 0.51 -3.86 12.05
N GLU A 190 0.84 -3.23 10.93
CA GLU A 190 -0.05 -3.17 9.77
C GLU A 190 -0.72 -4.50 9.45
N PRO A 191 -1.97 -4.44 9.03
CA PRO A 191 -2.75 -5.63 8.68
C PRO A 191 -2.07 -6.46 7.59
N GLU A 192 -1.36 -5.80 6.69
CA GLU A 192 -0.66 -6.48 5.61
C GLU A 192 0.44 -7.38 6.19
N ILE A 193 0.97 -6.99 7.34
CA ILE A 193 2.03 -7.77 7.96
C ILE A 193 1.41 -9.05 8.53
N VAL A 194 0.22 -8.91 9.12
CA VAL A 194 -0.51 -10.04 9.67
C VAL A 194 -0.78 -11.01 8.52
N ASP A 195 -1.16 -10.48 7.36
CA ASP A 195 -1.49 -11.35 6.22
C ASP A 195 -0.28 -12.12 5.69
N THR A 196 0.88 -11.45 5.61
CA THR A 196 2.09 -12.12 5.11
C THR A 196 2.47 -13.23 6.09
N ALA A 197 2.42 -12.92 7.37
CA ALA A 197 2.73 -13.91 8.39
C ALA A 197 1.77 -15.11 8.27
N ASP A 198 0.48 -14.86 8.00
CA ASP A 198 -0.46 -15.97 7.87
C ASP A 198 -0.09 -16.81 6.65
N PHE A 199 0.24 -16.11 5.56
CA PHE A 199 0.66 -16.76 4.34
C PHE A 199 1.90 -17.64 4.61
N LEU A 200 2.90 -17.08 5.26
CA LEU A 200 4.12 -17.85 5.54
C LEU A 200 3.81 -19.08 6.43
N ASN A 201 2.96 -18.87 7.44
CA ASN A 201 2.58 -19.96 8.34
C ASN A 201 1.93 -21.11 7.57
N LYS A 202 1.15 -20.79 6.54
CA LYS A 202 0.51 -21.84 5.76
C LYS A 202 1.53 -22.67 5.02
N MET A 203 2.76 -22.17 4.93
CA MET A 203 3.81 -22.92 4.22
C MET A 203 4.82 -23.59 5.17
N GLY A 204 4.46 -23.66 6.46
CA GLY A 204 5.34 -24.28 7.42
C GLY A 204 6.08 -23.35 8.36
N ALA A 205 5.99 -22.04 8.16
CA ALA A 205 6.64 -21.07 9.03
C ALA A 205 5.99 -21.15 10.42
N LYS A 206 6.60 -20.48 11.39
CA LYS A 206 6.09 -20.50 12.74
C LYS A 206 6.25 -19.13 13.35
N ILE A 207 5.33 -18.25 12.95
CA ILE A 207 5.29 -16.86 13.38
C ILE A 207 4.05 -16.64 14.26
N THR A 208 4.25 -16.00 15.40
CA THR A 208 3.17 -15.67 16.33
C THR A 208 3.47 -14.22 16.67
N GLY A 209 2.44 -13.48 17.08
CA GLY A 209 2.62 -12.08 17.43
C GLY A 209 2.45 -11.05 16.32
N ALA A 210 2.23 -11.49 15.08
CA ALA A 210 2.03 -10.57 13.95
C ALA A 210 0.76 -9.75 14.22
N GLY A 211 0.85 -8.44 14.06
CA GLY A 211 -0.26 -7.56 14.35
C GLY A 211 0.09 -6.80 15.64
N SER A 212 1.06 -7.33 16.41
CA SER A 212 1.53 -6.68 17.63
C SER A 212 2.99 -6.20 17.42
N ALA A 213 3.50 -5.45 18.39
CA ALA A 213 4.87 -4.94 18.33
C ALA A 213 5.90 -5.98 18.73
N HIS A 214 5.46 -7.20 19.02
CA HIS A 214 6.36 -8.29 19.47
C HIS A 214 6.08 -9.58 18.68
N ILE A 215 6.91 -9.81 17.66
CA ILE A 215 6.78 -10.97 16.81
C ILE A 215 7.82 -12.03 17.12
N THR A 216 7.37 -13.27 17.23
CA THR A 216 8.27 -14.37 17.51
C THR A 216 8.25 -15.34 16.32
N ILE A 217 9.43 -15.69 15.83
CA ILE A 217 9.56 -16.61 14.72
C ILE A 217 10.46 -17.77 15.07
N GLU A 218 9.97 -19.00 14.94
CA GLU A 218 10.81 -20.14 15.20
C GLU A 218 11.19 -20.66 13.83
N GLY A 219 12.48 -20.53 13.51
CA GLY A 219 12.96 -20.96 12.20
C GLY A 219 12.79 -22.42 11.82
N VAL A 220 12.67 -22.66 10.52
CA VAL A 220 12.52 -24.01 10.05
C VAL A 220 13.50 -24.13 8.90
N GLU A 221 13.77 -25.36 8.47
CA GLU A 221 14.74 -25.57 7.40
C GLU A 221 14.30 -25.00 6.06
N ARG A 222 13.04 -25.24 5.70
CA ARG A 222 12.51 -24.74 4.44
C ARG A 222 11.00 -24.63 4.49
N LEU A 223 10.44 -23.87 3.56
CA LEU A 223 9.00 -23.69 3.48
C LEU A 223 8.48 -24.43 2.26
N THR A 224 7.21 -24.83 2.30
CA THR A 224 6.61 -25.56 1.18
C THR A 224 5.81 -24.65 0.23
N GLY A 225 4.48 -24.68 0.35
CA GLY A 225 3.62 -23.87 -0.50
C GLY A 225 2.20 -23.87 0.03
N CYS A 226 1.30 -23.16 -0.63
CA CYS A 226 -0.08 -23.09 -0.13
C CYS A 226 -0.95 -22.32 -1.10
N GLU A 227 -2.22 -22.21 -0.73
CA GLU A 227 -3.17 -21.42 -1.48
C GLU A 227 -3.50 -20.33 -0.48
N HIS A 228 -3.61 -19.09 -0.94
CA HIS A 228 -3.90 -18.01 -0.02
C HIS A 228 -4.69 -16.89 -0.68
N SER A 229 -5.74 -16.46 0.01
CA SER A 229 -6.56 -15.37 -0.45
C SER A 229 -6.06 -14.10 0.26
N VAL A 230 -5.65 -13.10 -0.51
CA VAL A 230 -5.11 -11.86 0.05
C VAL A 230 -6.15 -11.04 0.84
N VAL A 231 -5.72 -10.50 1.98
CA VAL A 231 -6.57 -9.68 2.84
C VAL A 231 -7.09 -8.47 2.05
N PRO A 232 -8.38 -8.09 2.26
CA PRO A 232 -8.95 -6.95 1.55
C PRO A 232 -8.09 -5.70 1.68
N ASP A 233 -8.12 -4.83 0.68
CA ASP A 233 -7.35 -3.59 0.70
C ASP A 233 -8.08 -2.49 1.49
N ARG A 234 -7.60 -2.20 2.69
CA ARG A 234 -8.20 -1.16 3.54
C ARG A 234 -8.13 0.25 2.90
N ILE A 235 -7.08 0.48 2.13
CA ILE A 235 -6.87 1.76 1.49
C ILE A 235 -7.80 1.99 0.35
N GLU A 236 -8.07 0.92 -0.40
CA GLU A 236 -9.00 1.05 -1.52
C GLU A 236 -10.37 1.27 -0.89
N THR A 237 -10.67 0.53 0.18
CA THR A 237 -11.96 0.68 0.86
C THR A 237 -12.09 2.15 1.34
N GLY A 238 -11.08 2.63 2.07
CA GLY A 238 -11.12 4.00 2.55
C GLY A 238 -11.40 4.96 1.40
N THR A 239 -10.69 4.78 0.31
CA THR A 239 -10.85 5.65 -0.84
C THR A 239 -12.30 5.71 -1.35
N PHE A 240 -12.97 4.57 -1.44
CA PHE A 240 -14.33 4.61 -1.94
C PHE A 240 -15.32 5.15 -0.93
N LEU A 241 -15.05 4.93 0.35
CA LEU A 241 -15.90 5.49 1.40
C LEU A 241 -15.80 7.02 1.33
N ILE A 242 -14.59 7.50 1.05
CA ILE A 242 -14.38 8.93 0.93
C ILE A 242 -15.10 9.47 -0.28
N ALA A 243 -15.22 8.64 -1.31
CA ALA A 243 -15.90 9.03 -2.55
C ALA A 243 -17.34 9.42 -2.21
N ALA A 244 -17.96 8.66 -1.32
CA ALA A 244 -19.32 8.96 -0.89
C ALA A 244 -19.29 10.18 0.05
N ALA A 245 -18.33 10.21 0.97
CA ALA A 245 -18.21 11.30 1.93
C ALA A 245 -18.01 12.68 1.36
N ILE A 246 -17.35 12.78 0.20
CA ILE A 246 -17.08 14.07 -0.40
C ILE A 246 -18.14 14.51 -1.40
N SER A 247 -19.07 13.61 -1.72
CA SER A 247 -20.10 13.95 -2.68
C SER A 247 -21.49 13.83 -2.10
N GLY A 248 -21.55 13.61 -0.80
CA GLY A 248 -22.83 13.45 -0.15
C GLY A 248 -23.57 12.22 -0.64
N GLY A 249 -22.84 11.27 -1.22
CA GLY A 249 -23.46 10.07 -1.72
C GLY A 249 -23.57 8.94 -0.70
N CYS A 250 -23.87 7.74 -1.17
CA CYS A 250 -24.00 6.56 -0.33
C CYS A 250 -23.26 5.42 -1.04
N VAL A 251 -22.25 4.85 -0.41
CA VAL A 251 -21.49 3.80 -1.07
C VAL A 251 -21.32 2.55 -0.22
N VAL A 252 -21.43 1.40 -0.87
CA VAL A 252 -21.30 0.13 -0.19
C VAL A 252 -20.05 -0.53 -0.73
N CYS A 253 -19.14 -0.93 0.16
CA CYS A 253 -17.93 -1.62 -0.27
C CYS A 253 -18.09 -3.10 0.06
N GLN A 254 -18.01 -3.94 -0.96
CA GLN A 254 -18.15 -5.38 -0.80
C GLN A 254 -16.83 -6.11 -0.55
N ASN A 255 -16.86 -7.15 0.27
CA ASN A 255 -15.69 -7.96 0.55
C ASN A 255 -14.62 -7.18 1.30
N THR A 256 -15.05 -6.47 2.34
CA THR A 256 -14.16 -5.67 3.16
C THR A 256 -13.81 -6.43 4.41
N LYS A 257 -12.85 -5.90 5.14
CA LYS A 257 -12.50 -6.50 6.41
C LYS A 257 -12.81 -5.42 7.42
N ALA A 258 -13.76 -5.74 8.27
CA ALA A 258 -14.27 -4.88 9.33
C ALA A 258 -13.30 -4.00 10.10
N ASP A 259 -12.36 -4.63 10.78
CA ASP A 259 -11.43 -3.97 11.68
C ASP A 259 -10.08 -3.41 11.22
N THR A 260 -9.82 -3.25 9.93
CA THR A 260 -8.54 -2.70 9.49
C THR A 260 -8.60 -1.18 9.27
N LEU A 261 -9.79 -0.59 9.43
CA LEU A 261 -10.02 0.85 9.20
C LEU A 261 -10.57 1.67 10.35
N ASP A 262 -10.42 1.21 11.59
CA ASP A 262 -10.98 1.97 12.71
C ASP A 262 -10.67 3.48 12.73
N ALA A 263 -9.40 3.86 12.52
CA ALA A 263 -9.02 5.27 12.54
C ALA A 263 -9.79 6.02 11.48
N VAL A 264 -9.76 5.48 10.26
CA VAL A 264 -10.45 6.09 9.12
C VAL A 264 -11.96 6.17 9.35
N ILE A 265 -12.56 5.07 9.77
CA ILE A 265 -13.98 5.08 10.01
C ILE A 265 -14.36 6.11 11.09
N ASP A 266 -13.59 6.18 12.18
CA ASP A 266 -13.88 7.15 13.25
C ASP A 266 -13.85 8.61 12.72
N LYS A 267 -12.91 8.90 11.83
CA LYS A 267 -12.79 10.24 11.26
C LYS A 267 -13.96 10.58 10.32
N LEU A 268 -14.39 9.60 9.54
CA LEU A 268 -15.53 9.78 8.66
C LEU A 268 -16.76 10.11 9.51
N ARG A 269 -16.92 9.42 10.63
CA ARG A 269 -18.04 9.68 11.55
C ARG A 269 -17.84 11.07 12.18
N GLU A 270 -16.61 11.39 12.57
CA GLU A 270 -16.36 12.70 13.15
C GLU A 270 -16.76 13.73 12.07
N ALA A 271 -16.57 13.39 10.80
CA ALA A 271 -16.88 14.29 9.71
C ALA A 271 -18.40 14.37 9.42
N GLY A 272 -19.18 13.55 10.11
CA GLY A 272 -20.63 13.60 9.93
C GLY A 272 -21.21 12.45 9.12
N ALA A 273 -20.37 11.48 8.73
CA ALA A 273 -20.88 10.36 7.94
C ALA A 273 -21.54 9.28 8.81
N GLN A 274 -22.49 8.58 8.22
CA GLN A 274 -23.13 7.48 8.91
C GLN A 274 -22.44 6.28 8.29
N VAL A 275 -21.76 5.47 9.09
CA VAL A 275 -21.09 4.30 8.51
C VAL A 275 -21.52 2.99 9.16
N ASP A 276 -21.98 2.08 8.32
CA ASP A 276 -22.46 0.77 8.76
C ASP A 276 -21.49 -0.35 8.40
N VAL A 277 -21.01 -1.04 9.42
CA VAL A 277 -20.06 -2.13 9.25
C VAL A 277 -20.64 -3.52 9.49
N THR A 278 -20.48 -4.43 8.52
CA THR A 278 -20.89 -5.81 8.71
C THR A 278 -19.60 -6.60 8.53
N GLU A 279 -19.67 -7.92 8.69
CA GLU A 279 -18.48 -8.75 8.57
C GLU A 279 -17.79 -8.64 7.23
N ASN A 280 -18.56 -8.53 6.15
CA ASN A 280 -17.99 -8.49 4.82
C ASN A 280 -18.24 -7.24 3.99
N SER A 281 -18.87 -6.23 4.60
CA SER A 281 -19.12 -5.00 3.87
C SER A 281 -19.05 -3.78 4.82
N ILE A 282 -18.94 -2.60 4.22
CA ILE A 282 -18.92 -1.33 4.94
C ILE A 282 -19.69 -0.35 4.06
N THR A 283 -20.68 0.30 4.66
CA THR A 283 -21.50 1.24 3.93
C THR A 283 -21.37 2.63 4.54
N LEU A 284 -21.15 3.63 3.70
CA LEU A 284 -21.05 5.00 4.19
C LEU A 284 -22.16 5.74 3.52
N ASP A 285 -22.97 6.43 4.31
CA ASP A 285 -24.06 7.22 3.75
C ASP A 285 -23.78 8.63 4.26
N MET A 286 -23.54 9.56 3.35
CA MET A 286 -23.27 10.92 3.76
C MET A 286 -24.56 11.73 3.89
N LEU A 287 -25.71 11.06 3.71
CA LEU A 287 -27.06 11.68 3.84
C LEU A 287 -27.22 13.06 3.16
N GLY A 288 -26.51 13.25 2.05
CA GLY A 288 -26.58 14.50 1.32
C GLY A 288 -26.01 15.68 2.07
N ASN A 289 -25.17 15.43 3.07
CA ASN A 289 -24.61 16.53 3.83
C ASN A 289 -23.16 16.84 3.49
N ARG A 290 -22.78 18.09 3.71
CA ARG A 290 -21.42 18.52 3.47
C ARG A 290 -20.64 18.01 4.68
N PRO A 291 -19.36 17.69 4.52
CA PRO A 291 -18.62 17.20 5.68
C PRO A 291 -18.27 18.31 6.67
N LYS A 292 -17.96 17.90 7.89
CA LYS A 292 -17.50 18.83 8.92
C LYS A 292 -15.99 18.55 8.97
N ALA A 293 -15.19 19.61 8.89
CA ALA A 293 -13.72 19.50 8.91
C ALA A 293 -13.20 18.69 10.09
N VAL A 294 -12.13 17.92 9.87
CA VAL A 294 -11.55 17.16 10.98
C VAL A 294 -10.05 17.20 10.92
N ASN A 295 -9.40 17.20 12.08
CA ASN A 295 -7.94 17.22 12.11
C ASN A 295 -7.44 15.83 11.78
N ILE A 296 -6.22 15.76 11.28
CA ILE A 296 -5.65 14.50 10.88
C ILE A 296 -4.19 14.40 11.26
N ARG A 297 -3.80 13.27 11.84
CA ARG A 297 -2.41 13.06 12.19
C ARG A 297 -2.10 11.64 11.73
N THR A 298 -1.22 11.53 10.75
CA THR A 298 -0.86 10.21 10.27
C THR A 298 0.08 9.53 11.24
N ALA A 299 0.04 8.21 11.25
CA ALA A 299 0.90 7.43 12.13
C ALA A 299 0.78 5.96 11.77
N PRO A 300 1.71 5.13 12.28
CA PRO A 300 1.72 3.68 12.03
C PRO A 300 0.42 3.07 12.54
N HIS A 301 0.03 1.94 11.96
CA HIS A 301 -1.20 1.23 12.32
C HIS A 301 -1.14 0.88 13.81
N PRO A 302 -2.29 0.92 14.53
CA PRO A 302 -3.63 1.25 14.03
C PRO A 302 -4.04 2.73 13.96
N GLY A 303 -3.07 3.64 13.97
CA GLY A 303 -3.40 5.05 13.87
C GLY A 303 -3.89 5.38 12.46
N PHE A 304 -4.07 6.66 12.16
CA PHE A 304 -4.54 7.03 10.82
C PHE A 304 -3.38 6.80 9.83
N PRO A 305 -3.64 6.04 8.75
CA PRO A 305 -2.64 5.72 7.72
C PRO A 305 -2.32 6.87 6.74
N THR A 306 -1.02 7.04 6.46
CA THR A 306 -0.60 8.08 5.54
C THR A 306 -1.21 7.87 4.13
N ASP A 307 -1.49 6.61 3.77
CA ASP A 307 -2.07 6.31 2.47
C ASP A 307 -3.51 6.79 2.33
N MET A 308 -4.08 7.37 3.39
CA MET A 308 -5.43 7.92 3.35
C MET A 308 -5.39 9.45 3.60
N GLN A 309 -4.19 10.00 3.76
CA GLN A 309 -4.04 11.41 4.09
C GLN A 309 -4.58 12.40 3.02
N ALA A 310 -4.21 12.20 1.75
CA ALA A 310 -4.67 13.07 0.65
C ALA A 310 -6.19 12.97 0.51
N GLN A 311 -6.69 11.75 0.55
CA GLN A 311 -8.12 11.51 0.44
C GLN A 311 -8.85 12.38 1.47
N PHE A 312 -8.38 12.39 2.71
CA PHE A 312 -9.00 13.21 3.75
C PHE A 312 -8.71 14.71 3.60
N THR A 313 -7.55 15.05 3.02
CA THR A 313 -7.23 16.45 2.78
C THR A 313 -8.36 16.96 1.87
N LEU A 314 -8.71 16.18 0.83
CA LEU A 314 -9.77 16.56 -0.08
C LEU A 314 -11.08 16.73 0.67
N LEU A 315 -11.40 15.77 1.53
CA LEU A 315 -12.63 15.86 2.31
C LEU A 315 -12.65 17.19 3.08
N ASN A 316 -11.55 17.51 3.75
CA ASN A 316 -11.48 18.78 4.49
C ASN A 316 -11.61 20.01 3.62
N MET A 317 -11.03 19.95 2.41
CA MET A 317 -11.06 21.11 1.55
C MET A 317 -12.42 21.51 1.05
N VAL A 318 -13.39 20.60 1.17
CA VAL A 318 -14.75 20.86 0.78
C VAL A 318 -15.65 20.76 2.01
N ALA A 319 -15.04 20.53 3.17
CA ALA A 319 -15.79 20.45 4.43
C ALA A 319 -16.17 21.85 4.90
N GLU A 320 -16.84 21.92 6.04
CA GLU A 320 -17.21 23.20 6.60
C GLU A 320 -16.30 23.38 7.81
N GLY A 321 -15.42 24.38 7.77
CA GLY A 321 -14.53 24.65 8.88
C GLY A 321 -13.05 24.54 8.58
N THR A 322 -12.22 24.80 9.59
CA THR A 322 -10.77 24.73 9.42
C THR A 322 -10.19 23.41 9.93
N SER A 323 -9.14 22.92 9.30
CA SER A 323 -8.55 21.66 9.74
C SER A 323 -7.04 21.66 9.71
N ILE A 324 -6.45 20.83 10.56
CA ILE A 324 -5.01 20.69 10.69
C ILE A 324 -4.65 19.27 10.30
N ILE A 325 -3.83 19.14 9.27
CA ILE A 325 -3.42 17.84 8.80
C ILE A 325 -1.94 17.76 9.02
N THR A 326 -1.50 16.77 9.79
CA THR A 326 -0.11 16.58 10.13
C THR A 326 0.28 15.21 9.63
N GLU A 327 1.37 15.18 8.88
CA GLU A 327 1.87 13.94 8.31
C GLU A 327 3.18 13.62 9.02
N THR A 328 3.23 12.50 9.74
CA THR A 328 4.43 12.10 10.48
C THR A 328 5.18 10.93 9.86
N ILE A 329 4.65 10.33 8.82
CA ILE A 329 5.31 9.19 8.17
C ILE A 329 6.27 9.62 7.07
N PHE A 330 5.76 10.45 6.16
CA PHE A 330 6.53 10.95 5.04
C PHE A 330 6.41 12.46 5.10
N GLU A 331 7.53 13.12 5.30
CA GLU A 331 7.56 14.57 5.45
C GLU A 331 7.20 15.39 4.24
N ASN A 332 7.31 14.80 3.05
CA ASN A 332 6.96 15.56 1.85
C ASN A 332 5.85 14.91 1.04
N ARG A 333 4.77 14.52 1.70
CA ARG A 333 3.67 13.93 0.97
C ARG A 333 2.45 14.85 0.92
N PHE A 334 2.67 16.09 0.47
CA PHE A 334 1.60 17.07 0.33
C PHE A 334 1.52 17.58 -1.12
N MET A 335 2.15 16.89 -2.06
CA MET A 335 2.12 17.33 -3.46
C MET A 335 0.72 17.60 -4.02
N HIS A 336 -0.29 16.92 -3.48
CA HIS A 336 -1.67 17.12 -3.95
C HIS A 336 -2.31 18.44 -3.60
N ILE A 337 -1.87 19.01 -2.48
CA ILE A 337 -2.44 20.27 -2.01
C ILE A 337 -2.39 21.40 -3.06
N PRO A 338 -1.21 21.67 -3.62
CA PRO A 338 -1.18 22.76 -4.63
C PRO A 338 -1.94 22.41 -5.90
N GLU A 339 -2.05 21.11 -6.21
CA GLU A 339 -2.80 20.70 -7.37
C GLU A 339 -4.27 20.95 -7.04
N LEU A 340 -4.66 20.65 -5.80
CA LEU A 340 -6.04 20.85 -5.35
C LEU A 340 -6.35 22.34 -5.16
N ILE A 341 -5.31 23.14 -4.92
CA ILE A 341 -5.51 24.58 -4.77
C ILE A 341 -5.83 25.17 -6.16
N ARG A 342 -5.25 24.57 -7.20
CA ARG A 342 -5.52 25.01 -8.58
C ARG A 342 -7.01 24.86 -8.89
N MET A 343 -7.67 23.97 -8.13
CA MET A 343 -9.08 23.68 -8.29
C MET A 343 -9.98 24.49 -7.36
N GLY A 344 -9.38 25.39 -6.57
CA GLY A 344 -10.17 26.20 -5.67
C GLY A 344 -10.01 25.89 -4.19
N GLY A 345 -9.23 24.87 -3.87
CA GLY A 345 -9.02 24.52 -2.48
C GLY A 345 -8.18 25.57 -1.78
N LYS A 346 -8.33 25.65 -0.47
CA LYS A 346 -7.60 26.62 0.36
C LYS A 346 -6.82 25.90 1.44
N ALA A 347 -5.51 26.03 1.39
CA ALA A 347 -4.67 25.39 2.39
C ALA A 347 -3.33 26.09 2.42
N GLU A 348 -2.70 26.06 3.59
CA GLU A 348 -1.40 26.65 3.78
C GLU A 348 -0.55 25.53 4.37
N ILE A 349 0.67 25.39 3.88
CA ILE A 349 1.54 24.37 4.37
C ILE A 349 2.67 24.97 5.20
N GLU A 350 3.02 24.28 6.28
CA GLU A 350 4.11 24.71 7.14
C GLU A 350 4.78 23.44 7.66
N GLY A 351 5.86 23.05 7.02
CA GLY A 351 6.55 21.85 7.47
C GLY A 351 5.81 20.57 7.15
N ASN A 352 5.48 19.81 8.18
CA ASN A 352 4.77 18.55 8.02
C ASN A 352 3.29 18.75 8.36
N THR A 353 2.85 20.00 8.36
CA THR A 353 1.47 20.31 8.68
C THR A 353 0.79 21.19 7.63
N ALA A 354 -0.50 20.96 7.42
CA ALA A 354 -1.23 21.74 6.47
C ALA A 354 -2.50 22.21 7.12
N VAL A 355 -2.76 23.50 7.02
CA VAL A 355 -3.95 24.06 7.61
C VAL A 355 -4.90 24.35 6.46
N CYS A 356 -6.01 23.63 6.43
CA CYS A 356 -7.00 23.77 5.38
C CYS A 356 -8.24 24.55 5.81
N HIS A 357 -8.81 25.25 4.86
CA HIS A 357 -10.01 26.02 5.10
C HIS A 357 -10.99 25.52 4.05
N GLY A 358 -12.02 24.80 4.49
CA GLY A 358 -13.02 24.25 3.58
C GLY A 358 -13.91 25.18 2.76
N VAL A 359 -14.02 24.92 1.46
CA VAL A 359 -14.85 25.71 0.56
C VAL A 359 -16.03 24.85 0.09
N GLU A 360 -17.08 25.49 -0.43
CA GLU A 360 -18.27 24.80 -0.90
C GLU A 360 -18.09 23.99 -2.17
N GLN A 361 -17.46 24.60 -3.17
CA GLN A 361 -17.27 23.93 -4.44
C GLN A 361 -15.91 24.12 -5.08
N LEU A 362 -15.37 23.04 -5.62
CA LEU A 362 -14.10 23.09 -6.33
C LEU A 362 -14.50 23.36 -7.79
N SER A 363 -13.55 23.73 -8.63
CA SER A 363 -13.84 23.97 -10.03
C SER A 363 -12.78 23.26 -10.85
N GLY A 364 -13.22 22.57 -11.89
CA GLY A 364 -12.27 21.82 -12.71
C GLY A 364 -11.22 22.60 -13.48
N THR A 365 -10.12 21.90 -13.73
CA THR A 365 -9.01 22.42 -14.50
C THR A 365 -8.03 21.28 -14.62
N GLU A 366 -6.84 21.52 -15.16
CA GLU A 366 -5.88 20.45 -15.30
C GLU A 366 -4.97 20.38 -14.10
N VAL A 367 -4.69 19.15 -13.65
CA VAL A 367 -3.81 18.90 -12.51
C VAL A 367 -2.94 17.68 -12.82
N ILE A 368 -1.84 17.53 -12.11
CA ILE A 368 -0.90 16.43 -12.37
C ILE A 368 -0.76 15.45 -11.22
N ALA A 369 -0.82 14.16 -11.53
CA ALA A 369 -0.69 13.12 -10.52
C ALA A 369 0.79 12.76 -10.39
N THR A 370 1.21 12.36 -9.19
CA THR A 370 2.61 12.02 -8.96
C THR A 370 2.81 10.95 -7.88
N ASP A 371 1.74 10.61 -7.16
CA ASP A 371 1.78 9.64 -6.05
C ASP A 371 0.78 8.52 -6.33
N LEU A 372 1.26 7.28 -6.40
CA LEU A 372 0.42 6.14 -6.74
C LEU A 372 -0.78 5.92 -5.81
N ARG A 373 -0.71 6.40 -4.57
CA ARG A 373 -1.83 6.23 -3.68
C ARG A 373 -2.49 7.58 -3.39
N ALA A 374 -1.67 8.60 -3.13
CA ALA A 374 -2.21 9.91 -2.81
C ALA A 374 -2.93 10.65 -3.95
N SER A 375 -2.36 10.60 -5.15
CA SER A 375 -2.96 11.31 -6.28
C SER A 375 -4.39 10.92 -6.61
N ILE A 376 -4.90 9.85 -6.02
CA ILE A 376 -6.29 9.47 -6.30
C ILE A 376 -7.20 10.62 -5.85
N SER A 377 -6.71 11.45 -4.95
CA SER A 377 -7.47 12.58 -4.45
C SER A 377 -7.82 13.54 -5.58
N LEU A 378 -6.93 13.66 -6.55
CA LEU A 378 -7.15 14.54 -7.71
C LEU A 378 -8.28 14.04 -8.62
N VAL A 379 -8.40 12.72 -8.79
CA VAL A 379 -9.46 12.14 -9.61
C VAL A 379 -10.79 12.35 -8.91
N LEU A 380 -10.83 12.08 -7.61
CA LEU A 380 -12.05 12.25 -6.84
C LEU A 380 -12.48 13.71 -6.87
N ALA A 381 -11.50 14.63 -6.83
CA ALA A 381 -11.77 16.06 -6.89
C ALA A 381 -12.42 16.37 -8.23
N GLY A 382 -11.98 15.69 -9.29
CA GLY A 382 -12.58 15.93 -10.59
C GLY A 382 -14.06 15.55 -10.55
N CYS A 383 -14.39 14.47 -9.83
CA CYS A 383 -15.77 13.99 -9.75
C CYS A 383 -16.73 14.98 -9.12
N ILE A 384 -16.26 15.76 -8.15
CA ILE A 384 -17.13 16.72 -7.49
C ILE A 384 -16.91 18.19 -7.87
N ALA A 385 -15.96 18.47 -8.76
CA ALA A 385 -15.72 19.85 -9.16
C ALA A 385 -16.64 20.26 -10.32
N THR A 386 -16.85 21.57 -10.50
CA THR A 386 -17.71 22.05 -11.60
C THR A 386 -16.97 21.94 -12.92
N GLY A 387 -17.72 21.72 -14.00
CA GLY A 387 -17.10 21.63 -15.30
C GLY A 387 -16.22 20.40 -15.50
N GLU A 388 -15.15 20.58 -16.27
CA GLU A 388 -14.25 19.50 -16.58
C GLU A 388 -12.90 19.53 -15.86
N THR A 389 -12.39 18.35 -15.55
CA THR A 389 -11.09 18.23 -14.90
C THR A 389 -10.24 17.25 -15.68
N ILE A 390 -8.95 17.57 -15.82
CA ILE A 390 -8.05 16.70 -16.53
C ILE A 390 -6.91 16.33 -15.62
N VAL A 391 -6.78 15.03 -15.37
CA VAL A 391 -5.71 14.53 -14.52
C VAL A 391 -4.69 13.91 -15.41
N ASP A 392 -3.50 14.51 -15.40
CA ASP A 392 -2.40 14.02 -16.22
C ASP A 392 -1.56 12.99 -15.46
N ARG A 393 -0.79 12.23 -16.21
CA ARG A 393 0.11 11.20 -15.68
C ARG A 393 -0.59 10.20 -14.75
N ILE A 394 -1.76 9.72 -15.15
CA ILE A 394 -2.48 8.77 -14.34
C ILE A 394 -1.77 7.43 -14.25
N TYR A 395 -0.66 7.26 -14.98
CA TYR A 395 0.05 6.00 -14.88
C TYR A 395 0.40 5.75 -13.41
N HIS A 396 0.58 6.83 -12.64
CA HIS A 396 0.88 6.71 -11.22
C HIS A 396 -0.31 6.04 -10.55
N ILE A 397 -1.51 6.47 -10.91
CA ILE A 397 -2.73 5.92 -10.34
C ILE A 397 -2.84 4.42 -10.65
N ASP A 398 -2.45 4.01 -11.85
CA ASP A 398 -2.54 2.59 -12.23
C ASP A 398 -1.62 1.66 -11.44
N ARG A 399 -0.59 2.19 -10.78
CA ARG A 399 0.28 1.37 -9.95
C ARG A 399 -0.41 1.03 -8.63
N GLY A 400 -1.30 1.91 -8.17
CA GLY A 400 -1.96 1.65 -6.89
C GLY A 400 -3.46 1.39 -6.84
N TYR A 401 -4.15 1.32 -7.98
CA TYR A 401 -5.58 1.05 -7.95
C TYR A 401 -5.95 0.27 -9.21
N GLU A 402 -6.75 -0.77 -9.05
CA GLU A 402 -7.14 -1.56 -10.21
C GLU A 402 -8.49 -1.07 -10.75
N HIS A 403 -8.59 -1.05 -12.08
CA HIS A 403 -9.81 -0.64 -12.77
C HIS A 403 -10.45 0.55 -12.11
N ILE A 404 -9.65 1.55 -11.79
CA ILE A 404 -10.20 2.71 -11.09
C ILE A 404 -11.32 3.46 -11.85
N GLU A 405 -11.22 3.55 -13.19
CA GLU A 405 -12.25 4.23 -13.99
C GLU A 405 -13.53 3.43 -13.95
N ASP A 406 -13.41 2.12 -14.07
CA ASP A 406 -14.58 1.25 -14.05
C ASP A 406 -15.28 1.32 -12.68
N LYS A 407 -14.51 1.25 -11.60
CA LYS A 407 -15.13 1.30 -10.29
C LYS A 407 -15.77 2.65 -10.02
N LEU A 408 -15.11 3.73 -10.46
CA LEU A 408 -15.65 5.06 -10.24
C LEU A 408 -16.89 5.28 -11.10
N ARG A 409 -16.80 4.92 -12.38
CA ARG A 409 -17.94 5.05 -13.25
C ARG A 409 -19.09 4.24 -12.63
N GLY A 410 -18.74 3.10 -12.02
CA GLY A 410 -19.74 2.28 -11.37
C GLY A 410 -20.46 3.00 -10.23
N LEU A 411 -19.87 4.08 -9.71
CA LEU A 411 -20.51 4.84 -8.64
C LEU A 411 -21.13 6.12 -9.19
N GLY A 412 -21.21 6.21 -10.52
CA GLY A 412 -21.81 7.38 -11.13
C GLY A 412 -20.89 8.44 -11.69
N ALA A 413 -19.58 8.25 -11.61
CA ALA A 413 -18.70 9.29 -12.13
C ALA A 413 -18.62 9.27 -13.64
N LYS A 414 -18.35 10.43 -14.24
CA LYS A 414 -18.18 10.56 -15.69
C LYS A 414 -16.66 10.74 -15.90
N ILE A 415 -15.98 9.64 -16.15
CA ILE A 415 -14.53 9.64 -16.33
C ILE A 415 -14.13 8.82 -17.57
N GLU A 416 -13.32 9.41 -18.43
CA GLU A 416 -12.85 8.74 -19.65
C GLU A 416 -11.32 8.79 -19.74
N ARG A 417 -10.71 7.67 -20.10
CA ARG A 417 -9.26 7.59 -20.23
C ARG A 417 -8.88 7.95 -21.67
N PHE A 418 -8.00 8.93 -21.84
CA PHE A 418 -7.59 9.32 -23.17
C PHE A 418 -6.10 9.61 -23.19
N SER A 419 -5.60 10.09 -24.32
CA SER A 419 -4.18 10.41 -24.48
C SER A 419 -3.99 11.66 -25.35
N GLY A 420 -2.97 12.46 -25.03
CA GLY A 420 -2.69 13.66 -25.81
C GLY A 420 -3.88 14.59 -25.98
#